data_7P20
#
_entry.id   7P20
#
_cell.length_a   52.424
_cell.length_b   49.317
_cell.length_c   71.447
_cell.angle_alpha   90.000
_cell.angle_beta   104.890
_cell.angle_gamma   90.000
#
_symmetry.space_group_name_H-M   'C 1 2 1'
#
loop_
_entity.id
_entity.type
_entity.pdbx_description
1 polymer 'Pathogenesis-related 5 protein Jun a 3.0101'
2 non-polymer 'CHLORIDE ION'
3 water water
#
_entity_poly.entity_id   1
_entity_poly.type   'polypeptide(L)'
_entity_poly.pdbx_seq_one_letter_code
;GVVKFDIKNQCGYTVWAAGLPGGGKRLDQGQTWTVNLAAGTASARFWGRTGCTFDASGKGSCQTGDCGGQLSCTVSGAVP
ATLAEYTQSDQDYYDVSLVDGFNIPLAIQPTNAQCTAPACKADINAVCPSELKVDGGCNSACNVFKTDQYCCRNAYVDNC
PATQYSKIFKNQCPQAYSYAKDDTATFACASGTDYSIVFCPHHHHHH
;
_entity_poly.pdbx_strand_id   A
#
loop_
_chem_comp.id
_chem_comp.type
_chem_comp.name
_chem_comp.formula
CL non-polymer 'CHLORIDE ION' 'Cl -1'
#
# COMPACT_ATOMS: atom_id res chain seq x y z
N VAL A 2 -19.99 -10.21 -4.07
CA VAL A 2 -18.66 -9.62 -4.18
C VAL A 2 -18.34 -8.69 -3.01
N VAL A 3 -17.05 -8.48 -2.76
CA VAL A 3 -16.56 -7.41 -1.92
C VAL A 3 -16.09 -6.29 -2.84
N LYS A 4 -16.56 -5.07 -2.61
CA LYS A 4 -16.28 -3.93 -3.47
C LYS A 4 -15.28 -3.00 -2.82
N PHE A 5 -14.26 -2.61 -3.58
CA PHE A 5 -13.29 -1.60 -3.18
C PHE A 5 -13.47 -0.40 -4.09
N ASP A 6 -13.76 0.76 -3.51
N ASP A 6 -13.75 0.76 -3.52
CA ASP A 6 -13.79 2.03 -4.22
CA ASP A 6 -13.78 2.01 -4.29
C ASP A 6 -12.48 2.76 -3.93
C ASP A 6 -12.52 2.81 -3.97
N ILE A 7 -11.67 2.96 -4.96
CA ILE A 7 -10.32 3.49 -4.79
C ILE A 7 -10.28 4.88 -5.42
N LYS A 8 -10.11 5.92 -4.60
CA LYS A 8 -10.22 7.29 -5.08
C LYS A 8 -8.91 8.03 -4.89
N ASN A 9 -8.53 8.80 -5.91
CA ASN A 9 -7.34 9.64 -5.84
C ASN A 9 -7.74 11.05 -5.42
N GLN A 10 -7.39 11.44 -4.20
CA GLN A 10 -7.56 12.80 -3.74
C GLN A 10 -6.29 13.63 -3.83
N CYS A 11 -5.22 13.07 -4.35
CA CYS A 11 -3.98 13.83 -4.48
C CYS A 11 -4.07 14.85 -5.60
N GLY A 12 -3.20 15.85 -5.54
CA GLY A 12 -3.15 16.86 -6.58
C GLY A 12 -2.23 16.49 -7.73
N TYR A 13 -1.96 15.19 -7.88
CA TYR A 13 -1.18 14.64 -8.98
C TYR A 13 -1.82 13.32 -9.39
N THR A 14 -1.56 12.90 -10.63
CA THR A 14 -2.12 11.65 -11.12
C THR A 14 -1.51 10.46 -10.40
N VAL A 15 -2.36 9.48 -10.08
CA VAL A 15 -1.94 8.21 -9.49
C VAL A 15 -2.48 7.11 -10.39
N TRP A 16 -1.61 6.20 -10.81
CA TRP A 16 -2.04 5.05 -11.59
C TRP A 16 -2.28 3.93 -10.59
N ALA A 17 -3.55 3.72 -10.25
CA ALA A 17 -3.88 2.71 -9.27
C ALA A 17 -3.60 1.32 -9.82
N ALA A 18 -3.33 0.40 -8.91
CA ALA A 18 -2.97 -0.97 -9.27
C ALA A 18 -3.58 -1.92 -8.24
N GLY A 19 -3.92 -3.11 -8.70
CA GLY A 19 -4.40 -4.13 -7.79
C GLY A 19 -4.03 -5.54 -8.21
N LEU A 20 -3.58 -6.32 -7.25
CA LEU A 20 -3.52 -7.78 -7.40
C LEU A 20 -4.51 -8.35 -6.40
N PRO A 21 -5.71 -8.71 -6.82
CA PRO A 21 -6.23 -8.66 -8.19
C PRO A 21 -6.82 -7.31 -8.59
N GLY A 22 -7.16 -7.19 -9.87
CA GLY A 22 -7.86 -6.03 -10.36
C GLY A 22 -7.29 -5.44 -11.64
N GLY A 23 -5.96 -5.31 -11.71
CA GLY A 23 -5.33 -4.69 -12.87
C GLY A 23 -4.81 -3.30 -12.55
N GLY A 24 -5.28 -2.29 -13.26
CA GLY A 24 -4.87 -0.93 -12.97
C GLY A 24 -5.72 0.07 -13.71
N LYS A 25 -5.61 1.33 -13.27
CA LYS A 25 -6.39 2.40 -13.88
C LYS A 25 -5.71 3.73 -13.59
N ARG A 26 -5.61 4.57 -14.61
CA ARG A 26 -5.12 5.94 -14.42
C ARG A 26 -6.16 6.75 -13.65
N LEU A 27 -5.76 7.34 -12.54
CA LEU A 27 -6.65 8.19 -11.74
C LEU A 27 -6.09 9.60 -11.69
N ASP A 28 -6.64 10.50 -12.50
CA ASP A 28 -6.35 11.90 -12.29
C ASP A 28 -6.98 12.34 -10.97
N GLN A 29 -6.57 13.52 -10.50
CA GLN A 29 -7.13 14.07 -9.27
C GLN A 29 -8.65 13.99 -9.30
N GLY A 30 -9.23 13.34 -8.29
CA GLY A 30 -10.66 13.21 -8.13
C GLY A 30 -11.30 12.00 -8.79
N GLN A 31 -10.55 11.18 -9.53
CA GLN A 31 -11.11 10.01 -10.19
C GLN A 31 -11.12 8.80 -9.25
N THR A 32 -12.00 7.85 -9.58
CA THR A 32 -12.20 6.64 -8.79
C THR A 32 -12.09 5.39 -9.66
N TRP A 33 -11.59 4.31 -9.07
CA TRP A 33 -11.54 2.98 -9.67
C TRP A 33 -12.28 2.03 -8.74
N THR A 34 -13.22 1.26 -9.28
CA THR A 34 -13.94 0.26 -8.49
C THR A 34 -13.40 -1.12 -8.84
N VAL A 35 -13.11 -1.91 -7.80
CA VAL A 35 -12.63 -3.27 -7.95
C VAL A 35 -13.55 -4.21 -7.17
N ASN A 36 -14.11 -5.18 -7.87
CA ASN A 36 -14.94 -6.22 -7.27
C ASN A 36 -14.10 -7.48 -7.11
N LEU A 37 -14.12 -8.04 -5.90
CA LEU A 37 -13.50 -9.33 -5.65
C LEU A 37 -14.59 -10.34 -5.36
N ALA A 38 -14.53 -11.50 -6.00
CA ALA A 38 -15.44 -12.57 -5.64
C ALA A 38 -15.29 -12.87 -4.15
N ALA A 39 -16.41 -12.85 -3.42
CA ALA A 39 -16.33 -12.92 -1.96
C ALA A 39 -15.70 -14.22 -1.46
N GLY A 40 -15.47 -15.20 -2.32
CA GLY A 40 -14.60 -16.29 -1.99
C GLY A 40 -13.12 -15.99 -2.10
N THR A 41 -12.75 -14.86 -2.71
CA THR A 41 -11.36 -14.45 -2.81
C THR A 41 -10.76 -14.28 -1.41
N ALA A 42 -9.55 -14.79 -1.23
CA ALA A 42 -8.93 -14.76 0.08
C ALA A 42 -8.05 -13.55 0.31
N SER A 43 -7.66 -12.80 -0.73
CA SER A 43 -6.67 -11.75 -0.51
C SER A 43 -6.68 -10.71 -1.63
N ALA A 44 -6.18 -9.52 -1.28
CA ALA A 44 -5.99 -8.44 -2.24
C ALA A 44 -4.83 -7.55 -1.80
N ARG A 45 -4.20 -6.91 -2.78
CA ARG A 45 -3.07 -6.00 -2.57
C ARG A 45 -3.29 -4.83 -3.52
N PHE A 46 -3.48 -3.63 -2.98
CA PHE A 46 -3.69 -2.44 -3.80
C PHE A 46 -2.57 -1.43 -3.54
N TRP A 47 -2.22 -0.67 -4.57
CA TRP A 47 -1.22 0.38 -4.41
C TRP A 47 -1.41 1.42 -5.51
N GLY A 48 -0.69 2.52 -5.38
CA GLY A 48 -0.66 3.54 -6.41
C GLY A 48 0.73 3.65 -7.01
N ARG A 49 0.78 4.10 -8.26
CA ARG A 49 2.02 4.30 -9.00
C ARG A 49 2.11 5.77 -9.40
N THR A 50 3.31 6.31 -9.33
CA THR A 50 3.55 7.70 -9.67
C THR A 50 4.50 7.83 -10.83
N GLY A 51 4.38 8.94 -11.56
CA GLY A 51 5.32 9.27 -12.62
C GLY A 51 5.28 8.29 -13.77
N CYS A 52 4.10 7.90 -14.20
CA CYS A 52 3.94 6.90 -15.25
C CYS A 52 3.80 7.54 -16.62
N THR A 53 4.18 6.77 -17.64
CA THR A 53 3.86 7.06 -19.03
C THR A 53 3.46 5.75 -19.65
N PHE A 54 2.30 5.72 -20.33
CA PHE A 54 1.85 4.53 -21.04
C PHE A 54 1.45 4.89 -22.46
N ASP A 55 1.73 3.98 -23.39
CA ASP A 55 1.31 4.14 -24.77
C ASP A 55 -0.08 3.54 -24.98
N ALA A 56 -0.57 3.61 -26.23
CA ALA A 56 -1.94 3.17 -26.50
C ALA A 56 -2.11 1.69 -26.19
N SER A 57 -1.07 0.88 -26.37
CA SER A 57 -1.15 -0.54 -26.08
C SER A 57 -1.11 -0.83 -24.59
N GLY A 58 -0.91 0.19 -23.75
CA GLY A 58 -0.84 -0.02 -22.32
C GLY A 58 0.51 -0.43 -21.79
N LYS A 59 1.59 -0.23 -22.55
CA LYS A 59 2.95 -0.44 -22.13
C LYS A 59 3.70 0.87 -21.85
N GLY A 60 4.61 0.82 -20.89
CA GLY A 60 5.33 2.01 -20.44
C GLY A 60 6.00 1.72 -19.13
N SER A 61 6.17 2.77 -18.33
N SER A 61 6.18 2.77 -18.33
CA SER A 61 6.93 2.63 -17.09
CA SER A 61 6.88 2.58 -17.07
C SER A 61 6.49 3.69 -16.09
C SER A 61 6.47 3.67 -16.09
N CYS A 62 6.62 3.35 -14.81
CA CYS A 62 6.31 4.26 -13.71
C CYS A 62 7.53 4.46 -12.82
N GLN A 63 7.65 5.69 -12.30
CA GLN A 63 8.74 6.03 -11.41
C GLN A 63 8.68 5.21 -10.11
N THR A 64 7.48 4.99 -9.57
CA THR A 64 7.31 4.12 -8.41
C THR A 64 6.17 3.14 -8.67
N GLY A 65 6.32 1.93 -8.15
CA GLY A 65 5.26 0.93 -8.18
C GLY A 65 5.05 0.21 -9.50
N ASP A 66 5.97 0.35 -10.45
CA ASP A 66 5.80 -0.26 -11.77
C ASP A 66 5.56 -1.77 -11.72
N CYS A 67 4.59 -2.23 -12.51
CA CYS A 67 4.26 -3.65 -12.57
C CYS A 67 4.56 -4.18 -13.97
N GLY A 68 5.81 -4.57 -14.19
CA GLY A 68 6.16 -5.19 -15.46
C GLY A 68 5.90 -4.32 -16.67
N GLY A 69 5.97 -2.99 -16.50
CA GLY A 69 5.79 -2.08 -17.60
C GLY A 69 4.40 -2.08 -18.21
N GLN A 70 3.37 -2.36 -17.40
CA GLN A 70 2.00 -2.55 -17.86
C GLN A 70 1.09 -1.54 -17.17
N LEU A 71 0.10 -1.02 -17.89
CA LEU A 71 -0.97 -0.25 -17.24
C LEU A 71 -1.82 -1.14 -16.35
N SER A 72 -2.24 -2.31 -16.86
CA SER A 72 -3.10 -3.22 -16.13
C SER A 72 -2.25 -4.29 -15.48
N CYS A 73 -2.03 -4.16 -14.16
CA CYS A 73 -1.04 -4.98 -13.48
C CYS A 73 -1.48 -6.44 -13.36
N THR A 74 -0.53 -7.34 -13.58
CA THR A 74 -0.71 -8.75 -13.25
C THR A 74 0.43 -9.28 -12.39
N VAL A 75 1.39 -8.42 -12.00
CA VAL A 75 2.46 -8.76 -11.08
C VAL A 75 2.55 -7.64 -10.05
N SER A 76 3.27 -7.91 -8.96
CA SER A 76 3.41 -6.93 -7.91
C SER A 76 4.25 -5.75 -8.37
N GLY A 77 4.09 -4.62 -7.67
CA GLY A 77 4.73 -3.40 -8.09
C GLY A 77 6.15 -3.28 -7.60
N ALA A 78 6.99 -2.66 -8.43
CA ALA A 78 8.38 -2.42 -8.06
C ALA A 78 8.43 -1.45 -6.89
N VAL A 79 9.20 -1.79 -5.86
CA VAL A 79 9.26 -0.97 -4.65
C VAL A 79 9.96 0.35 -4.95
N PRO A 80 9.62 1.44 -4.24
CA PRO A 80 8.68 1.52 -3.12
C PRO A 80 7.25 1.86 -3.53
N ALA A 81 6.27 1.32 -2.80
CA ALA A 81 4.89 1.76 -2.96
C ALA A 81 4.09 1.42 -1.71
N THR A 82 3.37 2.41 -1.17
CA THR A 82 2.50 2.17 -0.04
C THR A 82 1.45 1.14 -0.42
N LEU A 83 1.18 0.18 0.46
CA LEU A 83 0.24 -0.90 0.17
C LEU A 83 -1.01 -0.81 1.03
N ALA A 84 -2.14 -1.19 0.44
CA ALA A 84 -3.34 -1.55 1.17
C ALA A 84 -3.56 -3.04 0.98
N GLU A 85 -3.65 -3.79 2.08
CA GLU A 85 -3.72 -5.24 2.02
C GLU A 85 -5.00 -5.73 2.68
N TYR A 86 -5.52 -6.85 2.19
CA TYR A 86 -6.80 -7.38 2.62
C TYR A 86 -6.77 -8.90 2.50
N THR A 87 -7.33 -9.58 3.51
CA THR A 87 -7.57 -11.01 3.42
C THR A 87 -8.89 -11.33 4.12
N GLN A 88 -9.47 -12.47 3.77
CA GLN A 88 -10.72 -12.91 4.38
C GLN A 88 -10.59 -14.36 4.80
N SER A 89 -11.01 -14.64 6.03
CA SER A 89 -11.12 -16.01 6.52
C SER A 89 -12.35 -16.09 7.41
N ASP A 90 -12.19 -16.12 8.74
CA ASP A 90 -13.34 -16.06 9.63
C ASP A 90 -13.96 -14.67 9.63
N GLN A 91 -13.16 -13.66 9.31
CA GLN A 91 -13.57 -12.29 9.16
C GLN A 91 -12.58 -11.65 8.20
N ASP A 92 -12.69 -10.34 7.99
CA ASP A 92 -11.75 -9.61 7.16
C ASP A 92 -10.58 -9.08 7.99
N TYR A 93 -9.37 -9.16 7.43
CA TYR A 93 -8.16 -8.59 8.03
C TYR A 93 -7.54 -7.66 7.01
N TYR A 94 -7.16 -6.46 7.45
CA TYR A 94 -6.68 -5.46 6.49
C TYR A 94 -5.70 -4.52 7.17
N ASP A 95 -4.91 -3.83 6.35
CA ASP A 95 -3.84 -2.99 6.87
C ASP A 95 -3.30 -2.09 5.77
N VAL A 96 -2.71 -0.98 6.19
CA VAL A 96 -1.84 -0.18 5.34
C VAL A 96 -0.42 -0.61 5.69
N SER A 97 0.39 -0.87 4.67
CA SER A 97 1.71 -1.41 4.91
C SER A 97 2.80 -0.59 4.24
N LEU A 98 3.87 -0.36 4.99
CA LEU A 98 5.10 0.27 4.52
C LEU A 98 6.25 -0.73 4.44
N VAL A 99 5.96 -2.02 4.55
CA VAL A 99 7.01 -3.03 4.54
C VAL A 99 7.78 -3.01 3.22
N ASP A 100 7.11 -2.65 2.13
CA ASP A 100 7.72 -2.54 0.80
C ASP A 100 7.84 -1.08 0.39
N GLY A 101 7.95 -0.19 1.37
CA GLY A 101 8.23 1.21 1.12
C GLY A 101 6.98 2.08 1.10
N PHE A 102 7.22 3.36 0.88
CA PHE A 102 6.20 4.39 0.83
C PHE A 102 6.33 5.14 -0.49
N ASN A 103 5.19 5.51 -1.08
CA ASN A 103 5.23 6.51 -2.15
C ASN A 103 4.14 7.56 -1.98
N ILE A 104 2.93 7.15 -1.62
CA ILE A 104 1.74 8.00 -1.57
C ILE A 104 1.04 7.76 -0.24
N PRO A 105 0.54 8.79 0.45
CA PRO A 105 -0.29 8.54 1.63
C PRO A 105 -1.58 7.82 1.24
N LEU A 106 -2.07 6.98 2.14
CA LEU A 106 -3.12 6.03 1.82
C LEU A 106 -3.96 5.74 3.06
N ALA A 107 -5.27 5.57 2.88
CA ALA A 107 -6.16 5.10 3.93
C ALA A 107 -7.08 4.00 3.43
N ILE A 108 -7.48 3.09 4.32
N ILE A 108 -7.41 3.07 4.32
CA ILE A 108 -8.48 2.09 3.95
CA ILE A 108 -8.45 2.08 4.09
C ILE A 108 -9.61 2.14 4.96
C ILE A 108 -9.61 2.43 5.01
N GLN A 109 -10.83 2.41 4.48
CA GLN A 109 -12.00 2.67 5.29
C GLN A 109 -13.09 1.66 5.02
N PRO A 110 -13.33 0.72 5.93
CA PRO A 110 -14.51 -0.14 5.79
C PRO A 110 -15.78 0.70 5.77
N THR A 111 -16.72 0.33 4.89
CA THR A 111 -18.02 0.99 4.90
C THR A 111 -18.74 0.76 6.23
N ASN A 112 -18.46 -0.37 6.88
CA ASN A 112 -18.99 -0.65 8.21
C ASN A 112 -18.25 0.20 9.24
N ALA A 113 -18.93 1.21 9.79
CA ALA A 113 -18.34 2.12 10.77
C ALA A 113 -18.02 1.45 12.10
N GLN A 114 -18.42 0.20 12.31
CA GLN A 114 -18.06 -0.50 13.53
C GLN A 114 -16.59 -0.88 13.57
N CYS A 115 -15.87 -0.73 12.46
CA CYS A 115 -14.51 -1.22 12.30
C CYS A 115 -13.54 -0.07 12.05
N THR A 116 -12.29 -0.28 12.46
CA THR A 116 -11.27 0.76 12.35
C THR A 116 -10.89 1.03 10.90
N ALA A 117 -10.61 2.29 10.58
CA ALA A 117 -10.16 2.72 9.26
C ALA A 117 -8.72 3.20 9.34
N PRO A 118 -7.73 2.32 9.18
CA PRO A 118 -6.33 2.74 9.34
C PRO A 118 -5.86 3.60 8.18
N ALA A 119 -4.87 4.44 8.47
CA ALA A 119 -4.36 5.34 7.44
C ALA A 119 -2.89 5.64 7.71
N CYS A 120 -2.19 5.93 6.62
CA CYS A 120 -0.87 6.56 6.69
C CYS A 120 -1.01 7.87 5.94
N LYS A 121 -1.21 8.96 6.67
CA LYS A 121 -1.53 10.23 6.07
C LYS A 121 -0.32 11.13 5.87
N ALA A 122 0.80 10.82 6.51
CA ALA A 122 1.94 11.71 6.55
C ALA A 122 2.74 11.65 5.26
N ASP A 123 3.41 12.76 4.96
CA ASP A 123 4.32 12.83 3.81
C ASP A 123 5.67 12.24 4.20
N ILE A 124 5.78 10.92 4.10
CA ILE A 124 7.01 10.25 4.51
C ILE A 124 8.17 10.61 3.57
N ASN A 125 7.89 10.99 2.33
CA ASN A 125 8.95 11.37 1.40
C ASN A 125 9.76 12.55 1.90
N ALA A 126 9.13 13.46 2.66
CA ALA A 126 9.83 14.64 3.17
C ALA A 126 10.85 14.29 4.25
N VAL A 127 10.69 13.15 4.92
CA VAL A 127 11.46 12.78 6.10
C VAL A 127 12.35 11.56 5.85
N CYS A 128 12.36 11.04 4.65
CA CYS A 128 13.00 9.77 4.37
C CYS A 128 14.52 9.88 4.53
N PRO A 129 15.16 8.97 5.28
CA PRO A 129 16.63 8.98 5.37
C PRO A 129 17.24 8.80 3.99
N SER A 130 18.43 9.37 3.79
CA SER A 130 18.99 9.48 2.45
C SER A 130 19.22 8.11 1.82
N GLU A 131 19.63 7.13 2.62
CA GLU A 131 19.89 5.81 2.06
C GLU A 131 18.63 5.08 1.59
N LEU A 132 17.45 5.49 2.08
CA LEU A 132 16.20 4.91 1.64
C LEU A 132 15.52 5.71 0.55
N LYS A 133 16.00 6.90 0.24
CA LYS A 133 15.30 7.78 -0.68
C LYS A 133 15.53 7.35 -2.12
N VAL A 134 14.46 7.37 -2.91
CA VAL A 134 14.53 7.24 -4.35
C VAL A 134 13.58 8.27 -4.94
N ASP A 135 13.68 8.48 -6.25
CA ASP A 135 12.80 9.47 -6.87
C ASP A 135 11.34 9.08 -6.66
N GLY A 136 10.58 9.95 -6.01
CA GLY A 136 9.17 9.71 -5.81
C GLY A 136 8.79 8.86 -4.62
N GLY A 137 9.75 8.36 -3.84
CA GLY A 137 9.35 7.49 -2.74
C GLY A 137 10.45 7.24 -1.73
N CYS A 138 10.16 6.32 -0.82
CA CYS A 138 11.04 6.02 0.30
C CYS A 138 11.03 4.51 0.51
N ASN A 139 12.14 3.86 0.24
CA ASN A 139 12.19 2.42 0.40
C ASN A 139 12.24 2.01 1.87
N SER A 140 11.83 0.77 2.13
CA SER A 140 12.06 0.19 3.44
C SER A 140 13.50 -0.30 3.58
N ALA A 141 13.94 -0.43 4.83
CA ALA A 141 15.28 -0.96 5.08
C ALA A 141 15.42 -2.38 4.54
N CYS A 142 14.35 -3.18 4.58
CA CYS A 142 14.44 -4.53 4.03
C CYS A 142 14.73 -4.48 2.54
N ASN A 143 14.05 -3.60 1.80
CA ASN A 143 14.32 -3.56 0.37
C ASN A 143 15.70 -3.00 0.03
N VAL A 144 16.23 -2.08 0.84
CA VAL A 144 17.53 -1.48 0.54
C VAL A 144 18.67 -2.40 0.96
N PHE A 145 18.61 -2.93 2.18
CA PHE A 145 19.73 -3.66 2.75
C PHE A 145 19.62 -5.17 2.57
N LYS A 146 18.40 -5.70 2.54
CA LYS A 146 18.11 -7.08 2.15
C LYS A 146 18.60 -8.12 3.16
N THR A 147 18.95 -7.71 4.36
CA THR A 147 19.46 -8.64 5.37
C THR A 147 18.37 -9.04 6.35
N ASP A 148 18.65 -10.11 7.10
CA ASP A 148 17.59 -10.81 7.82
C ASP A 148 17.02 -9.99 8.98
N GLN A 149 17.82 -9.10 9.60
N GLN A 149 17.82 -9.12 9.61
CA GLN A 149 17.30 -8.31 10.71
CA GLN A 149 17.28 -8.32 10.70
C GLN A 149 16.31 -7.24 10.25
C GLN A 149 16.21 -7.35 10.21
N TYR A 150 16.36 -6.82 8.99
CA TYR A 150 15.40 -5.87 8.47
C TYR A 150 14.24 -6.56 7.78
N CYS A 151 14.48 -7.73 7.21
CA CYS A 151 13.47 -8.45 6.47
C CYS A 151 12.74 -9.48 7.32
N CYS A 152 13.21 -9.73 8.54
CA CYS A 152 12.56 -10.66 9.47
C CYS A 152 12.52 -12.08 8.91
N ARG A 153 13.68 -12.56 8.49
CA ARG A 153 13.83 -13.89 7.92
C ARG A 153 14.83 -14.69 8.72
N ASN A 154 14.76 -16.02 8.59
CA ASN A 154 15.76 -16.94 9.13
C ASN A 154 15.87 -16.76 10.64
N ALA A 155 17.02 -16.32 11.18
CA ALA A 155 17.16 -16.18 12.63
C ALA A 155 16.22 -15.15 13.22
N TYR A 156 15.62 -14.30 12.39
CA TYR A 156 14.74 -13.24 12.87
C TYR A 156 13.28 -13.52 12.57
N VAL A 157 12.95 -14.66 11.96
CA VAL A 157 11.58 -14.90 11.51
C VAL A 157 10.61 -14.93 12.69
N ASP A 158 11.05 -15.45 13.84
CA ASP A 158 10.17 -15.65 15.00
C ASP A 158 10.48 -14.68 16.13
N ASN A 159 11.40 -13.74 15.90
CA ASN A 159 11.81 -12.76 16.88
C ASN A 159 12.53 -11.65 16.13
N CYS A 160 11.78 -10.64 15.72
CA CYS A 160 12.30 -9.58 14.85
C CYS A 160 12.01 -8.24 15.50
N PRO A 161 12.97 -7.67 16.22
CA PRO A 161 12.75 -6.36 16.85
C PRO A 161 12.60 -5.27 15.80
N ALA A 162 11.83 -4.26 16.17
CA ALA A 162 11.80 -3.02 15.39
C ALA A 162 13.19 -2.40 15.37
N THR A 163 13.47 -1.63 14.33
CA THR A 163 14.78 -1.01 14.14
C THR A 163 14.62 0.51 14.09
N GLN A 164 15.76 1.19 14.07
CA GLN A 164 15.72 2.63 13.89
C GLN A 164 15.00 3.00 12.59
N TYR A 165 15.20 2.20 11.55
CA TYR A 165 14.56 2.50 10.28
C TYR A 165 13.05 2.30 10.37
N SER A 166 12.62 1.15 10.90
CA SER A 166 11.18 0.91 10.97
C SER A 166 10.49 1.94 11.84
N LYS A 167 11.17 2.38 12.91
CA LYS A 167 10.55 3.32 13.84
C LYS A 167 10.42 4.72 13.24
N ILE A 168 11.21 5.06 12.23
CA ILE A 168 10.96 6.31 11.53
C ILE A 168 9.61 6.24 10.82
N PHE A 169 9.33 5.12 10.15
CA PHE A 169 8.02 4.94 9.54
C PHE A 169 6.91 4.90 10.58
N LYS A 170 7.13 4.18 11.70
CA LYS A 170 6.09 4.05 12.71
C LYS A 170 5.74 5.39 13.34
N ASN A 171 6.74 6.26 13.50
CA ASN A 171 6.47 7.61 14.00
C ASN A 171 5.52 8.35 13.06
N GLN A 172 5.82 8.32 11.77
CA GLN A 172 5.02 9.06 10.80
C GLN A 172 3.61 8.50 10.70
N CYS A 173 3.47 7.17 10.74
CA CYS A 173 2.20 6.49 10.51
C CYS A 173 2.03 5.36 11.51
N PRO A 174 1.60 5.68 12.73
CA PRO A 174 1.49 4.64 13.77
C PRO A 174 0.57 3.49 13.43
N GLN A 175 -0.44 3.69 12.58
CA GLN A 175 -1.37 2.62 12.25
C GLN A 175 -0.89 1.71 11.14
N ALA A 176 0.23 2.02 10.49
CA ALA A 176 0.67 1.24 9.35
C ALA A 176 1.70 0.18 9.77
N TYR A 177 1.77 -0.91 8.99
CA TYR A 177 2.89 -1.85 9.15
C TYR A 177 4.20 -1.19 8.83
N SER A 178 5.07 -1.11 9.83
CA SER A 178 6.35 -0.47 9.64
C SER A 178 7.46 -1.45 9.28
N TYR A 179 7.25 -2.74 9.53
CA TYR A 179 8.17 -3.80 9.15
C TYR A 179 7.38 -5.11 9.22
N ALA A 180 8.01 -6.20 8.77
CA ALA A 180 7.25 -7.43 8.51
C ALA A 180 6.51 -7.96 9.76
N LYS A 181 7.07 -7.77 10.95
CA LYS A 181 6.52 -8.36 12.17
C LYS A 181 5.93 -7.31 13.10
N ASP A 182 5.49 -6.18 12.55
CA ASP A 182 4.94 -5.11 13.36
C ASP A 182 3.60 -5.58 13.91
N ASP A 183 3.45 -5.56 15.23
CA ASP A 183 2.32 -6.20 15.90
C ASP A 183 1.16 -5.25 16.20
N THR A 184 1.24 -4.01 15.76
CA THR A 184 0.18 -3.04 16.03
C THR A 184 -0.29 -2.41 14.73
N ALA A 185 -0.53 -3.25 13.70
CA ALA A 185 -0.97 -2.68 12.43
C ALA A 185 -2.00 -3.50 11.67
N THR A 186 -2.52 -4.60 12.21
CA THR A 186 -3.59 -5.34 11.55
C THR A 186 -4.91 -4.91 12.16
N PHE A 187 -5.91 -4.70 11.31
CA PHE A 187 -7.24 -4.38 11.75
C PHE A 187 -8.21 -5.40 11.18
N ALA A 188 -9.37 -5.56 11.83
CA ALA A 188 -10.28 -6.63 11.47
C ALA A 188 -11.71 -6.13 11.46
N CYS A 189 -12.53 -6.77 10.64
CA CYS A 189 -13.94 -6.42 10.55
C CYS A 189 -14.71 -7.65 10.10
N ALA A 190 -15.89 -7.86 10.67
CA ALA A 190 -16.75 -8.94 10.23
C ALA A 190 -16.94 -8.89 8.72
N SER A 191 -16.94 -10.05 8.09
CA SER A 191 -17.11 -10.08 6.64
C SER A 191 -18.52 -9.61 6.26
N GLY A 192 -18.59 -8.95 5.10
CA GLY A 192 -19.84 -8.37 4.62
C GLY A 192 -19.70 -6.89 4.28
N THR A 193 -18.68 -6.24 4.83
CA THR A 193 -18.43 -4.83 4.55
C THR A 193 -17.77 -4.65 3.20
N ASP A 194 -18.02 -3.50 2.58
CA ASP A 194 -17.19 -3.03 1.47
C ASP A 194 -16.10 -2.10 2.00
N TYR A 195 -15.26 -1.58 1.10
CA TYR A 195 -14.13 -0.77 1.51
C TYR A 195 -13.95 0.40 0.56
N SER A 196 -13.46 1.50 1.11
CA SER A 196 -12.92 2.62 0.36
C SER A 196 -11.42 2.69 0.60
N ILE A 197 -10.67 2.95 -0.45
CA ILE A 197 -9.24 3.23 -0.33
C ILE A 197 -9.03 4.60 -0.91
N VAL A 198 -8.30 5.45 -0.20
CA VAL A 198 -8.14 6.84 -0.62
C VAL A 198 -6.67 7.17 -0.66
N PHE A 199 -6.21 7.66 -1.82
CA PHE A 199 -4.89 8.24 -1.92
C PHE A 199 -4.97 9.70 -1.47
N CYS A 200 -4.02 10.12 -0.64
CA CYS A 200 -4.01 11.44 -0.03
C CYS A 200 -5.26 11.68 0.82
N PRO A 201 -5.47 10.87 1.85
CA PRO A 201 -6.66 11.06 2.69
C PRO A 201 -6.61 12.41 3.40
N HIS A 202 -7.79 12.94 3.70
CA HIS A 202 -7.89 14.18 4.46
C HIS A 202 -7.49 13.94 5.90
N HIS A 203 -6.99 14.99 6.55
CA HIS A 203 -6.69 14.93 7.98
C HIS A 203 -7.34 16.11 8.68
N HIS A 204 -7.64 15.90 9.97
CA HIS A 204 -8.10 16.99 10.83
C HIS A 204 -6.90 17.72 11.40
CL CL B . -10.23 11.12 3.26
CL CL C . -13.95 1.89 -12.25
#